data_4Z2L
#
_entry.id   4Z2L
#
_cell.length_a   97.795
_cell.length_b   97.795
_cell.length_c   196.635
_cell.angle_alpha   90.00
_cell.angle_beta   90.00
_cell.angle_gamma   90.00
#
_symmetry.space_group_name_H-M   'P 43 21 2'
#
loop_
_entity.id
_entity.type
_entity.pdbx_description
1 polymer 'Chitinase B'
2 non-polymer "(3R,4S,5S,6R,7R,9R,10S,11S,12R,13S,14R)-14-ethyl-7,10,12,13-tetrahydroxy-3,5,7,9,11,13-hexamethyl-2-oxo-6-(prop-2-yn-1-yloxy)oxacyclotetradecan-4-yl {3-[N'-(methylcarbamoyl)carbamimidamido]propyl}carbamate"
3 non-polymer GLYCEROL
4 non-polymer 'CHLORIDE ION'
5 water water
#
_entity_poly.entity_id   1
_entity_poly.type   'polypeptide(L)'
_entity_poly.pdbx_seq_one_letter_code
;DPSSRSTRKAVIGYYFIPTNQINNYTETDTSVVPFPVSNITPAKAKQLTHINFSFLDINSNLECAWDPATNDAKARDVVN
RLTALKAHNPSLRIMFSIGGWYYSNDLGVSHANYVNAVKTPAARTKFAQSCVRIMKDYGFDGVDIDWEYPQAAEVDGFIA
ALQEIRTLLNQQTIADGRQALPYQLTIAGAGGAFFLSRYYSKLAQIVAPLDYINLMTYDLAGPWEKITNHQAALFGDAAG
PTFYNALREANLGWSWEELTRAFPSPFSLTVDAAVQQHLMMEGVPSAKIVMGVPFYGRAFKGVSGGNGGQYSSHSTPGED
PYPNADYWLVGCDECVRDKDPRIASYRQLEQMLQGNYGYQRLWNDKTKTPYLYHAQNGLFVTYDDAESFKYKAKYIKQQQ
LGGVMFWHLGQDNRNGDLLAALDRYFNAADYDDSQLDMGTGLRYTGVGPGNLPIMTAPAYVPGTTYAQGALVSYQGYVWQ
TKWGYITSAPGSDSAWLKVGRLA
;
_entity_poly.pdbx_strand_id   A
#
# COMPACT_ATOMS: atom_id res chain seq x y z
N SER A 6 -14.70 17.33 -6.20
CA SER A 6 -14.82 18.10 -4.94
C SER A 6 -14.38 17.31 -3.69
N THR A 7 -14.21 15.98 -3.79
CA THR A 7 -13.66 15.20 -2.66
C THR A 7 -12.13 15.16 -2.63
N ARG A 8 -11.58 15.69 -1.55
CA ARG A 8 -10.14 15.78 -1.38
C ARG A 8 -9.51 14.38 -1.34
N LYS A 9 -8.48 14.15 -2.14
CA LYS A 9 -7.72 12.89 -2.03
C LYS A 9 -7.04 12.83 -0.68
N ALA A 10 -7.13 11.66 -0.05
CA ALA A 10 -6.35 11.39 1.16
C ALA A 10 -4.85 11.42 0.87
N VAL A 11 -4.11 11.90 1.84
CA VAL A 11 -2.64 11.92 1.79
C VAL A 11 -2.15 11.50 3.15
N ILE A 12 -1.75 10.24 3.23
CA ILE A 12 -1.61 9.56 4.52
C ILE A 12 -0.15 9.21 4.76
N GLY A 13 0.45 9.82 5.78
CA GLY A 13 1.88 9.69 5.98
C GLY A 13 2.17 9.03 7.31
N TYR A 14 2.95 7.96 7.24
CA TYR A 14 3.42 7.32 8.47
C TYR A 14 4.45 8.19 9.18
N TYR A 15 4.26 8.36 10.49
CA TYR A 15 5.29 8.86 11.39
C TYR A 15 5.74 7.74 12.34
N PHE A 16 6.96 7.26 12.13
CA PHE A 16 7.56 6.23 12.97
C PHE A 16 8.58 6.84 13.92
N ILE A 17 8.55 6.41 15.17
CA ILE A 17 9.57 6.81 16.12
C ILE A 17 9.76 5.67 17.09
N PRO A 18 11.00 5.19 17.27
CA PRO A 18 11.19 3.97 18.08
C PRO A 18 11.24 4.25 19.59
N THR A 19 10.98 3.23 20.38
CA THR A 19 10.78 3.42 21.81
C THR A 19 11.94 4.23 22.45
N ASN A 20 13.18 3.86 22.12
CA ASN A 20 14.35 4.56 22.68
C ASN A 20 14.30 6.06 22.39
N GLN A 21 13.84 6.42 21.20
CA GLN A 21 13.73 7.84 20.83
C GLN A 21 12.57 8.54 21.52
N ILE A 22 11.49 7.82 21.82
CA ILE A 22 10.43 8.39 22.66
C ILE A 22 10.98 8.67 24.05
N ASN A 23 11.65 7.68 24.60
CA ASN A 23 12.10 7.73 25.97
C ASN A 23 13.18 8.78 26.18
N ASN A 24 13.80 9.23 25.08
CA ASN A 24 14.86 10.23 25.14
C ASN A 24 14.48 11.43 24.29
N TYR A 25 13.18 11.66 24.18
CA TYR A 25 12.69 12.53 23.12
C TYR A 25 13.29 13.92 23.25
N THR A 26 13.73 14.49 22.14
CA THR A 26 14.19 15.88 22.10
C THR A 26 14.02 16.43 20.71
N GLU A 27 13.70 17.72 20.59
CA GLU A 27 13.64 18.38 19.28
C GLU A 27 14.91 19.11 18.88
N THR A 28 16.01 18.95 19.61
CA THR A 28 17.16 19.80 19.39
C THR A 28 18.45 19.03 19.32
N ASP A 29 18.40 17.78 18.85
CA ASP A 29 19.59 16.93 18.74
C ASP A 29 19.31 15.76 17.82
N THR A 30 19.56 15.94 16.53
CA THR A 30 19.10 14.99 15.54
C THR A 30 19.88 13.69 15.61
N SER A 31 20.90 13.60 16.47
CA SER A 31 21.59 12.34 16.67
C SER A 31 20.89 11.48 17.71
N VAL A 32 19.96 12.06 18.48
CA VAL A 32 19.07 11.26 19.34
C VAL A 32 17.72 11.00 18.65
N VAL A 33 17.14 12.07 18.14
CA VAL A 33 15.89 11.98 17.41
C VAL A 33 16.06 12.74 16.11
N PRO A 34 16.39 12.02 15.05
CA PRO A 34 16.58 12.58 13.72
C PRO A 34 15.37 13.35 13.22
N PHE A 35 14.17 12.87 13.51
CA PHE A 35 12.97 13.44 12.90
C PHE A 35 11.89 13.71 13.93
N PRO A 36 12.15 14.71 14.79
CA PRO A 36 11.19 15.18 15.77
C PRO A 36 9.92 15.71 15.13
N VAL A 37 8.88 15.80 15.93
CA VAL A 37 7.59 16.27 15.47
C VAL A 37 7.67 17.70 14.89
N SER A 38 8.61 18.48 15.39
CA SER A 38 8.69 19.89 15.01
C SER A 38 9.08 20.03 13.56
N ASN A 39 9.65 18.97 12.97
CA ASN A 39 9.99 19.00 11.54
C ASN A 39 8.75 18.98 10.66
N ILE A 40 7.62 18.57 11.23
CA ILE A 40 6.34 18.65 10.51
C ILE A 40 5.74 20.04 10.66
N THR A 41 6.13 20.92 9.75
CA THR A 41 5.76 22.31 9.83
C THR A 41 4.30 22.45 9.52
N PRO A 42 3.74 23.63 9.82
CA PRO A 42 2.36 23.94 9.48
C PRO A 42 2.05 23.70 8.00
N ALA A 43 2.99 24.04 7.13
CA ALA A 43 2.78 23.86 5.70
C ALA A 43 2.64 22.36 5.31
N LYS A 44 3.37 21.51 6.01
CA LYS A 44 3.28 20.07 5.83
C LYS A 44 2.02 19.52 6.48
N ALA A 45 1.66 20.07 7.64
CA ALA A 45 0.43 19.70 8.31
C ALA A 45 -0.78 19.91 7.39
N LYS A 46 -0.74 20.95 6.57
CA LYS A 46 -1.83 21.25 5.67
C LYS A 46 -1.84 20.33 4.46
N GLN A 47 -0.70 19.74 4.13
CA GLN A 47 -0.58 18.97 2.91
C GLN A 47 -1.01 17.52 3.15
N LEU A 48 -1.01 17.16 4.42
CA LEU A 48 -1.38 15.82 4.87
C LEU A 48 -2.88 15.81 5.20
N THR A 49 -3.54 14.66 5.03
CA THR A 49 -4.86 14.46 5.64
C THR A 49 -4.81 13.53 6.84
N HIS A 50 -3.82 12.64 6.84
CA HIS A 50 -3.64 11.69 7.93
C HIS A 50 -2.15 11.55 8.29
N ILE A 51 -1.88 11.44 9.58
CA ILE A 51 -0.59 10.98 10.02
C ILE A 51 -0.82 9.71 10.81
N ASN A 52 -0.21 8.62 10.36
CA ASN A 52 -0.28 7.37 11.11
C ASN A 52 0.91 7.29 12.06
N PHE A 53 0.69 7.57 13.34
CA PHE A 53 1.70 7.31 14.34
C PHE A 53 1.93 5.81 14.49
N SER A 54 3.22 5.42 14.50
CA SER A 54 3.60 4.01 14.47
C SER A 54 4.85 3.76 15.32
N PHE A 55 4.99 2.55 15.91
CA PHE A 55 3.96 1.52 15.94
C PHE A 55 3.56 1.21 17.39
N LEU A 56 2.28 0.91 17.60
CA LEU A 56 1.88 0.15 18.77
C LEU A 56 1.81 -1.36 18.46
N ASP A 57 1.44 -2.14 19.46
CA ASP A 57 1.55 -3.59 19.36
C ASP A 57 0.33 -4.25 19.98
N ILE A 58 0.28 -5.56 19.90
CA ILE A 58 -0.60 -6.35 20.71
C ILE A 58 0.22 -7.22 21.65
N ASN A 59 0.04 -7.01 22.94
CA ASN A 59 0.80 -7.74 23.94
C ASN A 59 0.15 -9.06 24.28
N SER A 60 0.69 -9.77 25.26
CA SER A 60 0.33 -11.18 25.46
C SER A 60 -0.96 -11.28 26.25
N ASN A 61 -1.39 -10.16 26.83
CA ASN A 61 -2.74 -10.02 27.33
C ASN A 61 -3.79 -9.82 26.20
N LEU A 62 -3.31 -9.84 24.95
CA LEU A 62 -4.17 -9.76 23.77
C LEU A 62 -4.93 -8.46 23.73
N GLU A 63 -4.22 -7.40 24.10
CA GLU A 63 -4.75 -6.05 24.02
C GLU A 63 -3.78 -5.16 23.23
N CYS A 64 -4.33 -4.18 22.55
CA CYS A 64 -3.53 -3.08 22.07
C CYS A 64 -2.72 -2.48 23.21
N ALA A 65 -1.43 -2.31 22.98
CA ALA A 65 -0.54 -1.76 24.00
C ALA A 65 0.68 -1.10 23.36
N TRP A 66 1.17 -0.05 24.01
CA TRP A 66 2.53 0.46 23.77
C TRP A 66 3.54 -0.63 24.11
N ASP A 67 4.70 -0.58 23.48
CA ASP A 67 5.87 -1.35 23.92
C ASP A 67 6.03 -1.11 25.43
N PRO A 68 6.18 -2.18 26.22
CA PRO A 68 6.22 -2.03 27.68
C PRO A 68 7.44 -1.30 28.22
N ALA A 69 8.48 -1.15 27.41
CA ALA A 69 9.61 -0.32 27.77
C ALA A 69 9.32 1.17 27.58
N THR A 70 8.12 1.52 27.14
CA THR A 70 7.88 2.91 26.76
C THR A 70 7.68 3.76 28.02
N ASN A 71 8.24 4.96 28.04
CA ASN A 71 7.87 5.94 29.06
C ASN A 71 6.54 6.61 28.74
N ASP A 72 5.52 6.33 29.54
CA ASP A 72 4.18 6.81 29.24
C ASP A 72 4.11 8.33 29.13
N ALA A 73 4.82 9.04 29.99
CA ALA A 73 4.76 10.51 29.99
C ALA A 73 5.38 11.08 28.72
N LYS A 74 6.48 10.48 28.29
CA LYS A 74 7.15 10.95 27.07
C LYS A 74 6.31 10.58 25.83
N ALA A 75 5.64 9.43 25.89
CA ALA A 75 4.75 9.03 24.81
C ALA A 75 3.60 10.00 24.69
N ARG A 76 2.98 10.38 25.81
CA ARG A 76 1.84 11.31 25.76
C ARG A 76 2.28 12.63 25.19
N ASP A 77 3.50 12.98 25.50
CA ASP A 77 4.01 14.28 25.12
C ASP A 77 4.24 14.32 23.61
N VAL A 78 4.80 13.24 23.08
CA VAL A 78 5.07 13.15 21.64
C VAL A 78 3.75 13.15 20.87
N VAL A 79 2.77 12.40 21.38
CA VAL A 79 1.46 12.31 20.73
C VAL A 79 0.74 13.65 20.75
N ASN A 80 0.88 14.39 21.87
CA ASN A 80 0.28 15.73 22.00
C ASN A 80 0.85 16.75 21.03
N ARG A 81 2.14 16.63 20.74
CA ARG A 81 2.76 17.47 19.74
C ARG A 81 2.16 17.24 18.36
N LEU A 82 1.88 15.99 18.04
CA LEU A 82 1.24 15.67 16.75
C LEU A 82 -0.18 16.21 16.73
N THR A 83 -0.95 15.97 17.78
CA THR A 83 -2.34 16.38 17.72
C THR A 83 -2.47 17.89 17.78
N ALA A 84 -1.49 18.57 18.38
CA ALA A 84 -1.42 20.03 18.27
C ALA A 84 -1.39 20.52 16.83
N LEU A 85 -0.85 19.69 15.93
CA LEU A 85 -0.76 20.08 14.50
C LEU A 85 -2.14 20.35 13.89
N LYS A 86 -3.17 19.74 14.46
CA LYS A 86 -4.53 19.86 13.96
C LYS A 86 -5.04 21.30 13.99
N ALA A 87 -4.43 22.11 14.83
CA ALA A 87 -4.65 23.56 14.83
C ALA A 87 -4.34 24.24 13.47
N HIS A 88 -3.47 23.64 12.66
CA HIS A 88 -3.18 24.18 11.34
C HIS A 88 -4.08 23.65 10.25
N ASN A 89 -4.91 22.66 10.57
CA ASN A 89 -5.60 21.92 9.51
C ASN A 89 -6.72 21.06 10.08
N PRO A 90 -7.96 21.57 10.02
CA PRO A 90 -9.10 20.92 10.64
C PRO A 90 -9.52 19.61 9.96
N SER A 91 -8.94 19.31 8.80
CA SER A 91 -9.12 18.00 8.18
C SER A 91 -8.15 16.94 8.69
N LEU A 92 -7.11 17.36 9.39
CA LEU A 92 -6.03 16.45 9.74
C LEU A 92 -6.46 15.45 10.79
N ARG A 93 -6.10 14.18 10.55
CA ARG A 93 -6.23 13.16 11.60
C ARG A 93 -4.87 12.62 11.99
N ILE A 94 -4.68 12.42 13.29
CA ILE A 94 -3.58 11.63 13.80
C ILE A 94 -4.09 10.23 14.16
N MET A 95 -3.94 9.30 13.22
CA MET A 95 -4.19 7.89 13.46
C MET A 95 -3.08 7.32 14.31
N PHE A 96 -3.35 6.19 14.97
CA PHE A 96 -2.24 5.32 15.38
C PHE A 96 -2.32 3.97 14.73
N SER A 97 -1.17 3.32 14.66
CA SER A 97 -1.03 2.12 13.86
C SER A 97 -0.51 0.97 14.71
N ILE A 98 -1.18 -0.17 14.61
CA ILE A 98 -0.88 -1.35 15.41
C ILE A 98 -0.25 -2.40 14.50
N GLY A 99 0.99 -2.78 14.82
CA GLY A 99 1.65 -3.85 14.06
C GLY A 99 2.97 -3.42 13.45
N GLY A 100 3.03 -3.41 12.12
CA GLY A 100 4.30 -3.32 11.44
C GLY A 100 4.99 -4.68 11.26
N TRP A 101 5.98 -4.69 10.38
CA TRP A 101 6.71 -5.92 10.05
C TRP A 101 7.37 -6.56 11.26
N TYR A 102 8.04 -5.74 12.06
CA TYR A 102 8.82 -6.26 13.18
C TYR A 102 7.95 -6.97 14.21
N TYR A 103 6.83 -6.37 14.57
CA TYR A 103 5.90 -7.00 15.51
C TYR A 103 5.10 -8.16 14.92
N SER A 104 4.64 -8.03 13.66
CA SER A 104 3.53 -8.86 13.15
C SER A 104 3.84 -9.85 12.04
N ASN A 105 5.06 -9.86 11.52
CA ASN A 105 5.39 -10.79 10.43
C ASN A 105 5.32 -12.22 10.95
N ASP A 106 5.21 -13.20 10.04
CA ASP A 106 4.99 -14.61 10.44
C ASP A 106 5.99 -15.07 11.50
N LEU A 107 7.21 -14.51 11.51
CA LEU A 107 8.19 -14.83 12.56
C LEU A 107 8.43 -13.67 13.49
N GLY A 108 7.52 -12.70 13.52
CA GLY A 108 7.72 -11.50 14.33
C GLY A 108 7.64 -11.76 15.82
N VAL A 109 8.14 -10.80 16.61
CA VAL A 109 8.20 -10.96 18.06
C VAL A 109 6.82 -11.05 18.73
N SER A 110 5.79 -10.44 18.14
CA SER A 110 4.48 -10.45 18.77
C SER A 110 3.44 -11.27 18.01
N HIS A 111 3.91 -12.06 17.04
CA HIS A 111 3.02 -12.61 16.03
C HIS A 111 1.82 -13.36 16.61
N ALA A 112 2.05 -14.17 17.64
CA ALA A 112 1.01 -15.04 18.16
C ALA A 112 -0.09 -14.22 18.82
N ASN A 113 0.27 -13.06 19.35
CA ASN A 113 -0.70 -12.15 19.93
C ASN A 113 -1.73 -11.66 18.93
N TYR A 114 -1.32 -11.44 17.67
CA TYR A 114 -2.25 -11.03 16.62
C TYR A 114 -3.18 -12.17 16.30
N VAL A 115 -2.62 -13.36 16.20
CA VAL A 115 -3.36 -14.58 15.90
C VAL A 115 -4.37 -14.84 17.01
N ASN A 116 -3.97 -14.65 18.27
CA ASN A 116 -4.85 -15.01 19.38
C ASN A 116 -5.90 -13.92 19.65
N ALA A 117 -5.53 -12.68 19.35
CA ALA A 117 -6.36 -11.55 19.68
C ALA A 117 -7.62 -11.57 18.87
N VAL A 118 -7.59 -12.23 17.70
CA VAL A 118 -8.71 -12.21 16.79
C VAL A 118 -9.43 -13.55 16.69
N LYS A 119 -9.02 -14.49 17.54
CA LYS A 119 -9.36 -15.87 17.35
C LYS A 119 -10.79 -16.19 17.74
N THR A 120 -11.23 -15.63 18.87
CA THR A 120 -12.52 -15.99 19.43
C THR A 120 -13.32 -14.73 19.68
N PRO A 121 -14.62 -14.89 19.96
CA PRO A 121 -15.44 -13.69 20.08
C PRO A 121 -15.11 -12.87 21.31
N ALA A 122 -14.78 -13.53 22.40
CA ALA A 122 -14.35 -12.83 23.63
C ALA A 122 -13.00 -12.12 23.47
N ALA A 123 -12.08 -12.75 22.73
CA ALA A 123 -10.78 -12.13 22.51
C ALA A 123 -10.92 -10.89 21.62
N ARG A 124 -11.78 -10.97 20.62
CA ARG A 124 -12.00 -9.82 19.75
C ARG A 124 -12.62 -8.65 20.50
N THR A 125 -13.58 -8.95 21.37
CA THR A 125 -14.18 -7.92 22.23
C THR A 125 -13.15 -7.21 23.08
N LYS A 126 -12.30 -8.01 23.70
CA LYS A 126 -11.25 -7.46 24.56
C LYS A 126 -10.27 -6.62 23.74
N PHE A 127 -9.91 -7.13 22.57
CA PHE A 127 -8.94 -6.43 21.73
C PHE A 127 -9.54 -5.14 21.18
N ALA A 128 -10.72 -5.27 20.57
CA ALA A 128 -11.41 -4.11 20.02
C ALA A 128 -11.57 -3.00 21.04
N GLN A 129 -12.07 -3.34 22.23
CA GLN A 129 -12.19 -2.35 23.29
C GLN A 129 -10.83 -1.69 23.59
N SER A 130 -9.76 -2.49 23.59
CA SER A 130 -8.44 -1.93 23.97
C SER A 130 -8.00 -0.90 22.94
N CYS A 131 -8.29 -1.16 21.67
CA CYS A 131 -7.95 -0.21 20.60
C CYS A 131 -8.60 1.16 20.82
N VAL A 132 -9.88 1.15 21.19
CA VAL A 132 -10.61 2.40 21.22
C VAL A 132 -10.30 3.10 22.53
N ARG A 133 -9.95 2.32 23.54
CA ARG A 133 -9.53 2.91 24.80
C ARG A 133 -8.21 3.62 24.61
N ILE A 134 -7.29 2.99 23.88
CA ILE A 134 -5.98 3.61 23.64
C ILE A 134 -6.17 4.86 22.78
N MET A 135 -7.06 4.80 21.81
CA MET A 135 -7.30 5.95 20.94
C MET A 135 -7.75 7.15 21.80
N LYS A 136 -8.72 6.89 22.66
CA LYS A 136 -9.32 7.92 23.50
C LYS A 136 -8.33 8.43 24.54
N ASP A 137 -7.56 7.53 25.13
CA ASP A 137 -6.68 7.87 26.24
C ASP A 137 -5.55 8.78 25.75
N TYR A 138 -5.09 8.59 24.51
CA TYR A 138 -3.93 9.32 24.04
C TYR A 138 -4.27 10.45 23.08
N GLY A 139 -5.54 10.50 22.67
CA GLY A 139 -6.04 11.59 21.82
C GLY A 139 -6.00 11.34 20.31
N PHE A 140 -5.91 10.08 19.92
CA PHE A 140 -5.77 9.76 18.51
C PHE A 140 -7.11 9.90 17.81
N ASP A 141 -7.09 9.87 16.48
CA ASP A 141 -8.27 10.16 15.69
C ASP A 141 -8.78 8.94 14.92
N GLY A 142 -8.16 7.79 15.19
CA GLY A 142 -8.45 6.61 14.39
C GLY A 142 -7.47 5.47 14.60
N VAL A 143 -7.85 4.31 14.09
CA VAL A 143 -7.07 3.09 14.26
C VAL A 143 -6.65 2.53 12.91
N ASP A 144 -5.35 2.30 12.75
CA ASP A 144 -4.82 1.61 11.56
C ASP A 144 -4.19 0.27 11.99
N ILE A 145 -4.48 -0.79 11.24
CA ILE A 145 -3.90 -2.11 11.52
C ILE A 145 -2.94 -2.51 10.41
N ASP A 146 -1.70 -2.76 10.80
CA ASP A 146 -0.66 -3.15 9.87
C ASP A 146 -0.12 -4.52 10.27
N TRP A 147 -0.97 -5.53 10.18
CA TRP A 147 -0.56 -6.89 10.42
C TRP A 147 -0.12 -7.51 9.09
N GLU A 148 1.15 -7.89 9.01
CA GLU A 148 1.72 -8.39 7.78
C GLU A 148 2.14 -9.87 7.87
N TYR A 149 1.21 -10.84 7.75
CA TYR A 149 -0.20 -10.68 7.32
C TYR A 149 -1.04 -11.82 7.93
N PRO A 150 -2.33 -11.59 8.15
CA PRO A 150 -3.17 -12.74 8.52
C PRO A 150 -3.24 -13.80 7.42
N GLN A 151 -3.03 -15.06 7.80
CA GLN A 151 -3.08 -16.20 6.86
C GLN A 151 -4.53 -16.58 6.71
N ALA A 152 -4.81 -17.39 5.69
CA ALA A 152 -6.17 -17.62 5.21
C ALA A 152 -7.08 -18.11 6.35
N ALA A 153 -6.51 -18.86 7.28
CA ALA A 153 -7.25 -19.45 8.40
C ALA A 153 -7.68 -18.42 9.44
N GLU A 154 -6.96 -17.29 9.49
CA GLU A 154 -7.08 -16.30 10.57
C GLU A 154 -7.99 -15.17 10.09
N VAL A 155 -8.32 -15.24 8.80
CA VAL A 155 -8.86 -14.11 8.11
C VAL A 155 -10.28 -13.83 8.58
N ASP A 156 -11.05 -14.87 8.90
CA ASP A 156 -12.42 -14.65 9.43
C ASP A 156 -12.39 -13.95 10.78
N GLY A 157 -11.40 -14.30 11.60
CA GLY A 157 -11.21 -13.64 12.89
C GLY A 157 -10.84 -12.17 12.66
N PHE A 158 -9.94 -11.95 11.73
CA PHE A 158 -9.43 -10.60 11.44
C PHE A 158 -10.59 -9.70 10.97
N ILE A 159 -11.41 -10.23 10.08
CA ILE A 159 -12.61 -9.55 9.61
C ILE A 159 -13.57 -9.22 10.74
N ALA A 160 -13.94 -10.21 11.54
CA ALA A 160 -14.79 -9.97 12.69
C ALA A 160 -14.20 -8.94 13.65
N ALA A 161 -12.88 -8.89 13.75
CA ALA A 161 -12.27 -7.91 14.65
C ALA A 161 -12.34 -6.48 14.10
N LEU A 162 -12.14 -6.32 12.79
CA LEU A 162 -12.41 -5.03 12.15
C LEU A 162 -13.87 -4.59 12.33
N GLN A 163 -14.80 -5.52 12.20
CA GLN A 163 -16.23 -5.18 12.28
C GLN A 163 -16.54 -4.69 13.69
N GLU A 164 -15.89 -5.32 14.66
CA GLU A 164 -16.16 -4.95 16.02
C GLU A 164 -15.49 -3.61 16.40
N ILE A 165 -14.30 -3.35 15.87
CA ILE A 165 -13.68 -2.06 16.06
C ILE A 165 -14.49 -0.95 15.40
N ARG A 166 -14.98 -1.21 14.20
CA ARG A 166 -15.83 -0.25 13.51
C ARG A 166 -17.01 0.16 14.40
N THR A 167 -17.70 -0.81 14.99
CA THR A 167 -18.91 -0.51 15.74
C THR A 167 -18.56 0.37 16.93
N LEU A 168 -17.45 0.06 17.58
CA LEU A 168 -17.03 0.84 18.76
C LEU A 168 -16.55 2.25 18.39
N LEU A 169 -15.85 2.36 17.27
CA LEU A 169 -15.47 3.67 16.75
C LEU A 169 -16.69 4.52 16.45
N ASN A 170 -17.74 3.90 15.91
CA ASN A 170 -18.96 4.64 15.57
C ASN A 170 -19.72 5.11 16.82
N GLN A 171 -19.66 4.32 17.88
CA GLN A 171 -20.21 4.73 19.17
C GLN A 171 -19.46 5.95 19.68
N GLN A 172 -18.14 5.89 19.54
CA GLN A 172 -17.29 6.93 20.10
C GLN A 172 -17.49 8.23 19.33
N THR A 173 -17.69 8.13 18.03
CA THR A 173 -17.95 9.29 17.18
C THR A 173 -19.25 9.97 17.62
N ILE A 174 -20.24 9.16 18.00
CA ILE A 174 -21.53 9.69 18.41
C ILE A 174 -21.39 10.34 19.78
N ALA A 175 -20.71 9.64 20.68
CA ALA A 175 -20.50 10.14 22.02
C ALA A 175 -19.84 11.50 22.02
N ASP A 176 -18.85 11.67 21.16
CA ASP A 176 -18.03 12.88 21.11
C ASP A 176 -18.50 13.91 20.09
N GLY A 177 -19.61 13.64 19.41
CA GLY A 177 -20.14 14.59 18.43
C GLY A 177 -19.14 14.90 17.34
N ARG A 178 -18.57 13.85 16.76
CA ARG A 178 -17.47 13.99 15.84
C ARG A 178 -17.89 13.66 14.41
N GLN A 179 -19.16 13.93 14.10
CA GLN A 179 -19.67 13.66 12.75
C GLN A 179 -18.95 14.50 11.69
N ALA A 180 -18.31 15.59 12.10
CA ALA A 180 -17.59 16.41 11.13
C ALA A 180 -16.23 15.80 10.83
N LEU A 181 -15.67 15.06 11.78
CA LEU A 181 -14.39 14.36 11.57
C LEU A 181 -14.39 12.97 12.23
N PRO A 182 -15.24 12.08 11.71
CA PRO A 182 -15.53 10.84 12.43
C PRO A 182 -14.27 9.97 12.61
N TYR A 183 -14.24 9.23 13.69
CA TYR A 183 -13.14 8.32 13.94
C TYR A 183 -13.07 7.24 12.87
N GLN A 184 -11.86 6.98 12.40
CA GLN A 184 -11.69 6.18 11.20
C GLN A 184 -10.92 4.87 11.47
N LEU A 185 -11.10 3.90 10.58
CA LEU A 185 -10.43 2.62 10.63
C LEU A 185 -9.82 2.31 9.27
N THR A 186 -8.51 2.05 9.26
CA THR A 186 -7.81 1.66 8.05
C THR A 186 -6.97 0.41 8.31
N ILE A 187 -6.57 -0.26 7.23
CA ILE A 187 -5.43 -1.16 7.29
C ILE A 187 -4.40 -0.90 6.22
N ALA A 188 -3.17 -1.31 6.51
CA ALA A 188 -2.12 -1.41 5.51
C ALA A 188 -2.25 -2.78 4.87
N GLY A 189 -2.64 -2.79 3.60
CA GLY A 189 -2.96 -4.03 2.91
C GLY A 189 -1.84 -4.39 1.95
N ALA A 190 -1.73 -5.68 1.70
CA ALA A 190 -0.73 -6.19 0.78
C ALA A 190 -0.84 -5.45 -0.55
N GLY A 191 0.32 -5.21 -1.17
CA GLY A 191 0.37 -4.57 -2.48
C GLY A 191 0.98 -5.45 -3.55
N GLY A 192 1.15 -6.73 -3.23
CA GLY A 192 1.50 -7.73 -4.22
C GLY A 192 0.75 -9.04 -4.02
N ALA A 193 0.57 -9.78 -5.11
CA ALA A 193 -0.39 -10.88 -5.17
C ALA A 193 -0.05 -12.02 -4.22
N PHE A 194 1.23 -12.23 -3.95
CA PHE A 194 1.60 -13.36 -3.13
C PHE A 194 1.11 -13.22 -1.71
N PHE A 195 1.26 -12.06 -1.10
CA PHE A 195 0.67 -11.88 0.24
C PHE A 195 -0.82 -11.58 0.18
N LEU A 196 -1.25 -10.91 -0.87
CA LEU A 196 -2.66 -10.58 -1.02
C LEU A 196 -3.49 -11.86 -1.04
N SER A 197 -2.93 -12.92 -1.59
CA SER A 197 -3.70 -14.12 -1.82
C SER A 197 -4.16 -14.70 -0.51
N ARG A 198 -3.56 -14.28 0.59
CA ARG A 198 -3.90 -14.82 1.90
C ARG A 198 -5.34 -14.45 2.28
N TYR A 199 -5.82 -13.31 1.81
CA TYR A 199 -7.16 -12.87 2.18
C TYR A 199 -7.99 -12.41 0.99
N TYR A 200 -7.47 -12.62 -0.21
CA TYR A 200 -8.08 -12.06 -1.39
C TYR A 200 -9.53 -12.48 -1.53
N SER A 201 -9.82 -13.77 -1.33
CA SER A 201 -11.17 -14.25 -1.56
C SER A 201 -12.18 -13.51 -0.71
N LYS A 202 -11.73 -12.91 0.40
CA LYS A 202 -12.66 -12.25 1.32
C LYS A 202 -12.44 -10.76 1.42
N LEU A 203 -12.07 -10.19 0.28
CA LEU A 203 -11.58 -8.83 0.24
C LEU A 203 -12.71 -7.85 0.56
N ALA A 204 -13.87 -8.04 -0.07
CA ALA A 204 -15.02 -7.19 0.16
C ALA A 204 -15.36 -7.10 1.67
N GLN A 205 -15.23 -8.22 2.38
CA GLN A 205 -15.55 -8.21 3.82
C GLN A 205 -14.51 -7.46 4.61
N ILE A 206 -13.25 -7.52 4.15
CA ILE A 206 -12.15 -6.84 4.83
C ILE A 206 -12.26 -5.34 4.66
N VAL A 207 -12.70 -4.91 3.49
CA VAL A 207 -12.73 -3.49 3.16
C VAL A 207 -14.00 -2.83 3.71
N ALA A 208 -15.05 -3.60 3.99
CA ALA A 208 -16.36 -3.01 4.31
C ALA A 208 -16.35 -2.14 5.55
N PRO A 209 -15.67 -2.60 6.62
CA PRO A 209 -15.56 -1.79 7.83
C PRO A 209 -14.52 -0.67 7.78
N LEU A 210 -13.79 -0.52 6.66
CA LEU A 210 -12.71 0.46 6.61
C LEU A 210 -13.15 1.76 5.96
N ASP A 211 -12.47 2.84 6.32
CA ASP A 211 -12.51 4.05 5.49
C ASP A 211 -11.56 3.94 4.30
N TYR A 212 -10.40 3.32 4.53
CA TYR A 212 -9.48 3.03 3.44
C TYR A 212 -8.70 1.76 3.71
N ILE A 213 -8.33 1.11 2.61
CA ILE A 213 -7.28 0.12 2.63
C ILE A 213 -6.06 0.67 1.88
N ASN A 214 -4.99 0.90 2.64
CA ASN A 214 -3.80 1.56 2.13
C ASN A 214 -2.83 0.53 1.55
N LEU A 215 -2.80 0.42 0.23
CA LEU A 215 -2.09 -0.68 -0.41
C LEU A 215 -0.60 -0.42 -0.25
N MET A 216 0.13 -1.46 0.16
CA MET A 216 1.57 -1.35 0.26
C MET A 216 2.21 -1.70 -1.05
N THR A 217 1.96 -0.83 -2.02
CA THR A 217 2.41 -1.05 -3.40
C THR A 217 3.84 -0.55 -3.55
N TYR A 218 4.69 -1.09 -2.69
CA TYR A 218 6.10 -0.83 -2.77
C TYR A 218 6.76 -2.02 -2.10
N ASP A 219 8.08 -2.02 -2.00
CA ASP A 219 8.80 -3.20 -1.60
C ASP A 219 8.40 -4.41 -2.45
N LEU A 220 8.08 -4.16 -3.71
CA LEU A 220 7.74 -5.26 -4.61
C LEU A 220 8.99 -5.90 -5.18
N ALA A 221 10.15 -5.38 -4.76
CA ALA A 221 11.44 -5.97 -5.10
C ALA A 221 12.36 -5.77 -3.91
N GLY A 222 13.35 -6.63 -3.81
CA GLY A 222 14.26 -6.59 -2.68
C GLY A 222 15.26 -7.73 -2.75
N PRO A 223 16.13 -7.84 -1.74
CA PRO A 223 17.26 -8.75 -1.72
C PRO A 223 16.83 -10.20 -1.81
N TRP A 224 15.58 -10.45 -1.45
CA TRP A 224 15.02 -11.80 -1.53
C TRP A 224 14.73 -12.26 -2.96
N GLU A 225 14.82 -11.39 -3.96
CA GLU A 225 14.58 -11.83 -5.37
C GLU A 225 15.86 -12.22 -6.06
N LYS A 226 15.78 -13.01 -7.12
CA LYS A 226 17.00 -13.49 -7.78
C LYS A 226 17.63 -12.39 -8.63
N ILE A 227 16.81 -11.39 -8.94
CA ILE A 227 17.07 -10.47 -10.04
C ILE A 227 16.63 -9.06 -9.54
N THR A 228 17.46 -8.04 -9.78
CA THR A 228 17.08 -6.70 -9.41
C THR A 228 15.86 -6.31 -10.18
N ASN A 229 14.99 -5.51 -9.54
CA ASN A 229 13.82 -4.96 -10.19
C ASN A 229 13.39 -3.69 -9.50
N HIS A 230 12.54 -2.93 -10.17
CA HIS A 230 11.90 -1.76 -9.55
C HIS A 230 10.97 -2.21 -8.44
N GLN A 231 11.04 -1.53 -7.30
CA GLN A 231 10.23 -1.89 -6.13
C GLN A 231 8.77 -1.42 -6.21
N ALA A 232 8.50 -0.46 -7.09
CA ALA A 232 7.18 0.17 -7.18
C ALA A 232 6.89 0.68 -8.60
N ALA A 233 7.15 -0.17 -9.58
CA ALA A 233 6.79 0.16 -10.96
C ALA A 233 5.29 0.40 -11.04
N LEU A 234 4.92 1.47 -11.73
CA LEU A 234 3.53 1.75 -11.95
C LEU A 234 2.97 0.79 -12.98
N PHE A 235 3.69 0.68 -14.11
CA PHE A 235 3.32 -0.29 -15.13
C PHE A 235 4.47 -1.20 -15.40
N GLY A 236 4.21 -2.24 -16.20
CA GLY A 236 5.16 -3.31 -16.38
C GLY A 236 6.16 -3.05 -17.50
N ASP A 237 7.34 -3.66 -17.34
CA ASP A 237 8.34 -3.60 -18.37
C ASP A 237 8.55 -5.01 -18.87
N ALA A 238 8.37 -5.22 -20.16
CA ALA A 238 8.43 -6.56 -20.73
C ALA A 238 9.82 -7.17 -20.63
N ALA A 239 10.84 -6.34 -20.52
CA ALA A 239 12.19 -6.84 -20.29
C ALA A 239 12.36 -7.28 -18.83
N GLY A 240 11.47 -6.87 -17.95
CA GLY A 240 11.65 -7.20 -16.53
C GLY A 240 11.14 -8.59 -16.18
N PRO A 241 11.43 -9.06 -14.95
CA PRO A 241 10.93 -10.36 -14.56
C PRO A 241 9.40 -10.39 -14.47
N THR A 242 8.83 -11.59 -14.60
CA THR A 242 7.41 -11.75 -14.36
C THR A 242 7.19 -12.81 -13.31
N PHE A 243 5.99 -12.84 -12.75
CA PHE A 243 5.69 -13.74 -11.65
C PHE A 243 4.42 -14.57 -11.83
N TYR A 244 4.42 -15.72 -11.18
CA TYR A 244 3.21 -16.50 -10.98
C TYR A 244 2.15 -15.66 -10.30
N ASN A 245 0.95 -15.63 -10.88
CA ASN A 245 -0.24 -15.02 -10.26
C ASN A 245 -0.92 -15.98 -9.28
N ALA A 246 -0.53 -15.90 -8.02
CA ALA A 246 -1.09 -16.73 -6.96
C ALA A 246 -2.61 -16.58 -6.80
N LEU A 247 -3.16 -15.44 -7.20
CA LEU A 247 -4.57 -15.22 -6.96
C LEU A 247 -5.42 -16.26 -7.71
N ARG A 248 -4.88 -16.82 -8.79
CA ARG A 248 -5.64 -17.80 -9.53
C ARG A 248 -5.84 -19.11 -8.76
N GLU A 249 -5.14 -19.26 -7.65
CA GLU A 249 -5.31 -20.43 -6.80
C GLU A 249 -6.10 -20.10 -5.53
N ALA A 250 -6.65 -18.90 -5.44
CA ALA A 250 -7.38 -18.55 -4.24
C ALA A 250 -8.71 -19.30 -4.24
N ASN A 251 -9.35 -19.38 -3.08
CA ASN A 251 -10.57 -20.15 -2.96
C ASN A 251 -11.80 -19.33 -3.36
N LEU A 252 -11.98 -19.11 -4.65
CA LEU A 252 -12.95 -18.14 -5.11
C LEU A 252 -14.18 -18.86 -5.58
N GLY A 253 -14.01 -20.09 -6.06
CA GLY A 253 -15.11 -20.88 -6.63
C GLY A 253 -15.48 -20.49 -8.05
N TRP A 254 -14.60 -19.78 -8.72
CA TRP A 254 -14.88 -19.37 -10.09
C TRP A 254 -14.52 -20.50 -11.07
N SER A 255 -14.92 -20.32 -12.32
CA SER A 255 -14.65 -21.29 -13.36
C SER A 255 -13.26 -21.06 -13.94
N TRP A 256 -12.83 -21.93 -14.85
CA TRP A 256 -11.56 -21.78 -15.51
C TRP A 256 -11.51 -20.48 -16.29
N GLU A 257 -12.57 -20.18 -17.01
CA GLU A 257 -12.58 -18.98 -17.86
C GLU A 257 -12.55 -17.72 -16.96
N GLU A 258 -13.35 -17.75 -15.91
CA GLU A 258 -13.41 -16.65 -14.98
C GLU A 258 -12.03 -16.38 -14.38
N LEU A 259 -11.36 -17.46 -14.00
CA LEU A 259 -10.04 -17.34 -13.38
C LEU A 259 -8.99 -16.85 -14.38
N THR A 260 -9.05 -17.38 -15.61
CA THR A 260 -8.09 -17.03 -16.63
C THR A 260 -8.23 -15.53 -17.00
N ARG A 261 -9.45 -15.06 -17.12
CA ARG A 261 -9.70 -13.70 -17.57
C ARG A 261 -9.40 -12.66 -16.45
N ALA A 262 -9.28 -13.12 -15.22
CA ALA A 262 -8.98 -12.23 -14.08
C ALA A 262 -7.50 -12.21 -13.70
N PHE A 263 -6.84 -13.36 -13.87
CA PHE A 263 -5.51 -13.60 -13.33
C PHE A 263 -4.58 -14.16 -14.42
N PRO A 264 -4.15 -13.29 -15.32
CA PRO A 264 -3.08 -13.68 -16.23
C PRO A 264 -1.81 -14.03 -15.48
N SER A 265 -1.09 -15.01 -16.00
CA SER A 265 0.07 -15.55 -15.33
C SER A 265 0.95 -16.18 -16.39
N PRO A 266 2.22 -15.80 -16.40
CA PRO A 266 2.78 -14.90 -15.39
C PRO A 266 2.40 -13.44 -15.62
N PHE A 267 2.66 -12.58 -14.64
CA PHE A 267 2.30 -11.17 -14.77
C PHE A 267 3.39 -10.27 -14.21
N SER A 268 3.24 -8.97 -14.47
CA SER A 268 4.18 -7.99 -14.02
C SER A 268 3.75 -7.39 -12.69
N LEU A 269 4.64 -7.50 -11.70
CA LEU A 269 4.30 -7.16 -10.31
C LEU A 269 4.45 -5.66 -10.09
N THR A 270 3.35 -4.95 -10.32
CA THR A 270 3.34 -3.51 -10.43
C THR A 270 2.28 -2.93 -9.50
N VAL A 271 2.31 -1.61 -9.36
CA VAL A 271 1.30 -0.90 -8.60
C VAL A 271 -0.05 -1.09 -9.27
N ASP A 272 -0.05 -0.97 -10.59
CA ASP A 272 -1.29 -1.03 -11.37
C ASP A 272 -1.92 -2.43 -11.24
N ALA A 273 -1.09 -3.45 -11.12
CA ALA A 273 -1.61 -4.80 -10.91
C ALA A 273 -2.42 -4.90 -9.63
N ALA A 274 -1.83 -4.43 -8.54
CA ALA A 274 -2.46 -4.54 -7.23
C ALA A 274 -3.76 -3.78 -7.19
N VAL A 275 -3.75 -2.56 -7.72
CA VAL A 275 -4.97 -1.77 -7.73
C VAL A 275 -6.07 -2.48 -8.53
N GLN A 276 -5.73 -3.00 -9.70
CA GLN A 276 -6.71 -3.63 -10.57
C GLN A 276 -7.19 -4.93 -9.89
N GLN A 277 -6.27 -5.61 -9.20
CA GLN A 277 -6.66 -6.83 -8.49
C GLN A 277 -7.68 -6.58 -7.38
N HIS A 278 -7.64 -5.38 -6.81
CA HIS A 278 -8.65 -4.97 -5.83
C HIS A 278 -9.96 -4.61 -6.52
N LEU A 279 -9.86 -3.87 -7.62
CA LEU A 279 -11.04 -3.38 -8.31
C LEU A 279 -11.83 -4.54 -8.93
N MET A 280 -11.14 -5.62 -9.27
CA MET A 280 -11.78 -6.76 -9.89
C MET A 280 -12.82 -7.37 -8.97
N MET A 281 -12.65 -7.19 -7.67
CA MET A 281 -13.54 -7.82 -6.69
C MET A 281 -14.74 -6.95 -6.44
N GLU A 282 -15.89 -7.60 -6.48
CA GLU A 282 -17.16 -6.97 -6.25
C GLU A 282 -17.26 -6.48 -4.80
N GLY A 283 -17.80 -5.28 -4.61
CA GLY A 283 -17.95 -4.74 -3.26
C GLY A 283 -16.67 -4.12 -2.73
N VAL A 284 -15.68 -3.91 -3.59
CA VAL A 284 -14.49 -3.14 -3.21
C VAL A 284 -14.46 -1.84 -4.00
N PRO A 285 -14.93 -0.74 -3.41
CA PRO A 285 -15.04 0.53 -4.13
C PRO A 285 -13.70 1.23 -4.34
N SER A 286 -13.57 1.92 -5.48
CA SER A 286 -12.31 2.54 -5.84
C SER A 286 -11.93 3.66 -4.87
N ALA A 287 -12.94 4.25 -4.24
CA ALA A 287 -12.71 5.37 -3.35
C ALA A 287 -12.10 4.96 -2.01
N LYS A 288 -12.15 3.67 -1.69
CA LYS A 288 -11.58 3.17 -0.45
C LYS A 288 -10.15 2.66 -0.62
N ILE A 289 -9.72 2.60 -1.86
CA ILE A 289 -8.39 2.11 -2.23
C ILE A 289 -7.41 3.26 -2.30
N VAL A 290 -6.34 3.14 -1.52
CA VAL A 290 -5.27 4.16 -1.41
C VAL A 290 -3.95 3.54 -1.86
N MET A 291 -3.27 4.24 -2.76
CA MET A 291 -2.03 3.75 -3.34
C MET A 291 -0.88 4.13 -2.45
N GLY A 292 -0.15 3.12 -1.97
CA GLY A 292 1.06 3.34 -1.21
C GLY A 292 2.23 3.71 -2.09
N VAL A 293 3.10 4.58 -1.58
CA VAL A 293 4.36 4.84 -2.23
C VAL A 293 5.49 4.89 -1.22
N PRO A 294 6.69 4.47 -1.64
CA PRO A 294 7.85 4.53 -0.77
C PRO A 294 8.49 5.92 -0.81
N PHE A 295 8.86 6.45 0.35
CA PHE A 295 9.77 7.59 0.41
C PHE A 295 11.24 7.15 0.58
N TYR A 296 11.53 5.89 0.23
CA TYR A 296 12.87 5.34 0.35
C TYR A 296 13.23 4.55 -0.90
N GLY A 297 14.52 4.28 -1.05
CA GLY A 297 15.00 3.35 -2.08
C GLY A 297 15.41 2.01 -1.49
N ARG A 298 15.36 1.00 -2.35
CA ARG A 298 16.04 -0.28 -2.09
C ARG A 298 17.32 -0.43 -2.90
N ALA A 299 18.42 -0.71 -2.22
CA ALA A 299 19.74 -0.80 -2.85
C ALA A 299 20.22 -2.21 -2.99
N PHE A 300 20.89 -2.48 -4.11
CA PHE A 300 21.46 -3.78 -4.44
C PHE A 300 22.93 -3.58 -4.83
N LYS A 301 23.77 -4.55 -4.49
CA LYS A 301 25.15 -4.57 -4.92
C LYS A 301 25.38 -5.81 -5.78
N GLY A 302 26.55 -5.87 -6.39
CA GLY A 302 26.94 -7.00 -7.23
C GLY A 302 26.22 -7.10 -8.56
N VAL A 303 25.76 -6.00 -9.13
CA VAL A 303 24.97 -6.09 -10.35
C VAL A 303 25.84 -5.96 -11.58
N SER A 304 25.32 -6.42 -12.71
CA SER A 304 26.02 -6.31 -13.99
C SER A 304 25.53 -5.15 -14.85
N GLY A 305 26.43 -4.66 -15.69
CA GLY A 305 26.17 -3.49 -16.51
C GLY A 305 25.34 -3.87 -17.71
N GLY A 306 25.14 -2.93 -18.62
CA GLY A 306 24.36 -3.23 -19.81
C GLY A 306 23.00 -2.56 -19.80
N ASN A 307 22.21 -2.78 -18.74
CA ASN A 307 20.88 -2.19 -18.68
C ASN A 307 20.63 -1.34 -17.42
N GLY A 308 21.67 -0.65 -16.95
CA GLY A 308 21.53 0.27 -15.83
C GLY A 308 21.42 -0.41 -14.47
N GLY A 309 21.76 -1.69 -14.42
CA GLY A 309 21.65 -2.48 -13.18
C GLY A 309 20.29 -3.14 -13.04
N GLN A 310 19.38 -2.84 -13.98
CA GLN A 310 18.04 -3.40 -13.95
C GLN A 310 18.07 -4.88 -14.35
N TYR A 311 17.28 -5.70 -13.65
CA TYR A 311 16.98 -7.07 -14.09
C TYR A 311 18.24 -7.91 -14.10
N SER A 312 19.16 -7.56 -13.20
CA SER A 312 20.46 -8.21 -13.03
C SER A 312 20.44 -9.14 -11.80
N SER A 313 21.23 -10.20 -11.87
CA SER A 313 21.63 -10.89 -10.66
C SER A 313 22.50 -9.96 -9.79
N HIS A 314 22.65 -10.34 -8.54
CA HIS A 314 23.15 -9.43 -7.54
C HIS A 314 23.61 -10.22 -6.32
N SER A 315 24.33 -9.57 -5.42
CA SER A 315 24.90 -10.25 -4.28
C SER A 315 24.57 -9.50 -2.99
N THR A 316 23.31 -9.10 -2.87
CA THR A 316 22.85 -8.28 -1.76
C THR A 316 22.39 -9.19 -0.63
N PRO A 317 22.98 -9.05 0.58
CA PRO A 317 22.58 -10.02 1.60
C PRO A 317 21.10 -9.86 1.99
N GLY A 318 20.39 -10.97 2.12
CA GLY A 318 19.00 -10.94 2.55
C GLY A 318 18.78 -11.15 4.04
N GLU A 319 19.87 -11.39 4.78
CA GLU A 319 19.77 -11.85 6.17
C GLU A 319 19.48 -10.67 7.11
N ASP A 320 18.81 -10.99 8.20
CA ASP A 320 18.51 -10.00 9.23
C ASP A 320 19.04 -10.57 10.53
N PRO A 321 19.96 -9.85 11.19
CA PRO A 321 20.44 -8.51 10.89
C PRO A 321 21.45 -8.49 9.72
N TYR A 322 21.72 -7.31 9.18
CA TYR A 322 22.73 -7.20 8.13
C TYR A 322 24.01 -7.88 8.62
N PRO A 323 24.63 -8.72 7.79
CA PRO A 323 25.56 -9.70 8.37
C PRO A 323 26.99 -9.20 8.58
N ASN A 324 27.31 -7.97 8.22
CA ASN A 324 28.64 -7.48 8.50
C ASN A 324 28.69 -5.98 8.56
N ALA A 325 29.88 -5.41 8.63
CA ALA A 325 30.05 -3.94 8.71
C ALA A 325 30.47 -3.31 7.37
N ASP A 326 30.32 -4.03 6.26
CA ASP A 326 30.56 -3.46 4.94
C ASP A 326 29.34 -2.64 4.51
N TYR A 327 29.44 -1.34 4.67
CA TYR A 327 28.36 -0.45 4.33
C TYR A 327 28.64 0.10 2.97
N TRP A 328 28.26 -0.65 1.93
CA TRP A 328 28.84 -0.51 0.60
C TRP A 328 28.06 0.53 -0.23
N LEU A 329 27.03 1.11 0.36
CA LEU A 329 26.22 2.04 -0.39
C LEU A 329 26.88 3.42 -0.33
N VAL A 330 27.80 3.61 -1.27
CA VAL A 330 28.66 4.79 -1.35
C VAL A 330 27.86 6.07 -1.18
N GLY A 331 28.23 6.84 -0.16
CA GLY A 331 27.65 8.15 0.10
C GLY A 331 26.49 8.13 1.08
N CYS A 332 26.05 6.96 1.49
CA CYS A 332 24.90 6.88 2.38
C CYS A 332 25.33 6.93 3.86
N ASP A 333 25.20 8.11 4.45
CA ASP A 333 25.58 8.29 5.85
C ASP A 333 24.54 7.68 6.81
N GLU A 334 23.26 7.77 6.45
CA GLU A 334 22.21 7.14 7.24
C GLU A 334 22.41 5.63 7.34
N CYS A 335 22.95 5.04 6.28
CA CYS A 335 23.18 3.59 6.25
C CYS A 335 24.23 3.20 7.27
N VAL A 336 25.24 4.05 7.42
CA VAL A 336 26.27 3.80 8.45
C VAL A 336 25.67 3.95 9.85
N ARG A 337 24.88 4.99 10.03
CA ARG A 337 24.17 5.19 11.30
C ARG A 337 23.28 3.97 11.57
N ASP A 338 22.53 3.50 10.58
CA ASP A 338 21.59 2.41 10.82
C ASP A 338 22.23 1.05 10.60
N LYS A 339 23.50 1.02 10.20
CA LYS A 339 24.23 -0.25 10.04
C LYS A 339 23.62 -1.15 8.96
N ASP A 340 23.04 -0.55 7.94
CA ASP A 340 22.41 -1.33 6.89
C ASP A 340 22.42 -0.52 5.63
N PRO A 341 22.98 -1.09 4.57
CA PRO A 341 23.14 -0.38 3.31
C PRO A 341 22.00 -0.64 2.33
N ARG A 342 21.00 -1.39 2.76
CA ARG A 342 20.02 -1.90 1.82
C ARG A 342 18.83 -0.97 1.60
N ILE A 343 18.64 -0.03 2.51
CA ILE A 343 17.58 0.95 2.42
C ILE A 343 18.16 2.34 2.54
N ALA A 344 17.79 3.24 1.65
CA ALA A 344 18.16 4.64 1.81
C ALA A 344 16.97 5.57 1.59
N SER A 345 16.78 6.50 2.53
CA SER A 345 15.73 7.49 2.43
C SER A 345 15.89 8.32 1.16
N TYR A 346 14.79 8.88 0.68
CA TYR A 346 14.86 9.79 -0.44
C TYR A 346 15.78 10.97 -0.12
N ARG A 347 15.65 11.46 1.10
CA ARG A 347 16.51 12.55 1.60
C ARG A 347 17.99 12.23 1.35
N GLN A 348 18.39 11.04 1.76
CA GLN A 348 19.74 10.61 1.63
C GLN A 348 20.10 10.45 0.14
N LEU A 349 19.17 9.95 -0.67
CA LEU A 349 19.50 9.63 -2.04
C LEU A 349 19.76 10.91 -2.83
N GLU A 350 19.02 11.97 -2.54
CA GLU A 350 19.30 13.27 -3.12
C GLU A 350 20.75 13.65 -2.88
N GLN A 351 21.20 13.50 -1.65
CA GLN A 351 22.57 13.84 -1.30
C GLN A 351 23.57 12.96 -2.03
N MET A 352 23.23 11.69 -2.25
CA MET A 352 24.19 10.75 -2.86
C MET A 352 24.36 11.12 -4.32
N LEU A 353 23.25 11.51 -4.92
CA LEU A 353 23.24 11.82 -6.32
C LEU A 353 23.93 13.17 -6.56
N GLN A 354 23.97 14.02 -5.54
CA GLN A 354 24.42 15.39 -5.72
C GLN A 354 25.92 15.46 -5.51
N GLY A 355 26.40 14.69 -4.54
CA GLY A 355 27.83 14.52 -4.30
C GLY A 355 28.51 13.70 -5.37
N ASN A 356 29.82 13.61 -5.25
CA ASN A 356 30.64 12.93 -6.22
C ASN A 356 30.83 11.49 -5.82
N TYR A 357 29.78 10.70 -5.93
CA TYR A 357 29.81 9.35 -5.42
C TYR A 357 29.75 8.32 -6.53
N GLY A 358 29.55 8.78 -7.78
CA GLY A 358 29.53 7.90 -8.95
C GLY A 358 28.18 7.32 -9.40
N TYR A 359 27.06 7.91 -8.95
CA TYR A 359 25.72 7.46 -9.39
C TYR A 359 25.25 8.24 -10.63
N GLN A 360 24.55 7.56 -11.52
CA GLN A 360 23.70 8.22 -12.48
C GLN A 360 22.24 8.02 -12.09
N ARG A 361 21.42 9.05 -12.25
CA ARG A 361 19.98 8.89 -12.16
C ARG A 361 19.41 8.56 -13.51
N LEU A 362 18.67 7.46 -13.58
CA LEU A 362 18.16 6.97 -14.84
C LEU A 362 16.66 6.84 -14.70
N TRP A 363 16.00 6.55 -15.81
CA TRP A 363 14.55 6.62 -15.84
C TRP A 363 14.03 5.52 -16.75
N ASN A 364 13.13 4.70 -16.23
CA ASN A 364 12.54 3.70 -17.08
C ASN A 364 11.14 4.19 -17.49
N ASP A 365 10.95 4.36 -18.79
CA ASP A 365 9.78 5.07 -19.31
C ASP A 365 8.55 4.14 -19.44
N LYS A 366 8.74 2.85 -19.18
CA LYS A 366 7.61 1.92 -19.04
C LYS A 366 7.04 1.94 -17.62
N THR A 367 7.93 1.70 -16.66
CA THR A 367 7.57 1.66 -15.26
C THR A 367 7.26 3.04 -14.72
N LYS A 368 7.78 4.07 -15.41
CA LYS A 368 7.64 5.46 -14.97
C LYS A 368 8.22 5.68 -13.57
N THR A 369 9.39 5.09 -13.36
CA THR A 369 10.10 5.18 -12.08
C THR A 369 11.59 5.43 -12.34
N PRO A 370 12.25 6.15 -11.42
CA PRO A 370 13.66 6.42 -11.50
C PRO A 370 14.46 5.30 -10.91
N TYR A 371 15.76 5.33 -11.13
CA TYR A 371 16.66 4.45 -10.42
C TYR A 371 18.06 4.96 -10.48
N LEU A 372 18.84 4.68 -9.43
CA LEU A 372 20.24 5.03 -9.46
C LEU A 372 21.02 3.85 -9.98
N TYR A 373 22.03 4.12 -10.81
CA TYR A 373 23.04 3.15 -11.17
C TYR A 373 24.45 3.67 -10.89
N HIS A 374 25.24 2.85 -10.20
CA HIS A 374 26.64 3.10 -9.92
C HIS A 374 27.51 2.14 -10.75
N ALA A 375 28.00 2.60 -11.89
CA ALA A 375 28.59 1.70 -12.89
C ALA A 375 29.90 1.13 -12.38
N GLN A 376 30.64 1.89 -11.60
CA GLN A 376 31.93 1.42 -11.21
C GLN A 376 31.85 0.27 -10.19
N ASN A 377 30.96 0.38 -9.21
CA ASN A 377 30.92 -0.63 -8.15
C ASN A 377 29.87 -1.70 -8.35
N GLY A 378 28.92 -1.41 -9.23
CA GLY A 378 27.85 -2.34 -9.57
C GLY A 378 26.70 -2.25 -8.60
N LEU A 379 26.20 -1.04 -8.39
CA LEU A 379 25.08 -0.80 -7.47
C LEU A 379 23.85 -0.35 -8.23
N PHE A 380 22.69 -0.73 -7.71
CA PHE A 380 21.40 -0.35 -8.30
C PHE A 380 20.44 0.01 -7.17
N VAL A 381 19.77 1.15 -7.33
CA VAL A 381 18.77 1.60 -6.37
C VAL A 381 17.43 1.91 -7.03
N THR A 382 16.38 1.28 -6.53
CA THR A 382 15.02 1.57 -7.01
C THR A 382 14.23 2.43 -6.01
N TYR A 383 13.70 3.57 -6.48
CA TYR A 383 13.08 4.52 -5.57
C TYR A 383 12.05 5.30 -6.33
N ASP A 384 11.33 6.16 -5.61
CA ASP A 384 10.34 7.06 -6.20
C ASP A 384 10.72 8.54 -5.94
N ASP A 385 10.36 9.42 -6.87
CA ASP A 385 10.61 10.84 -6.71
C ASP A 385 9.43 11.65 -7.28
N ALA A 386 9.60 12.97 -7.32
CA ALA A 386 8.50 13.87 -7.66
C ALA A 386 8.00 13.67 -9.08
N GLU A 387 8.84 13.12 -9.96
CA GLU A 387 8.44 12.76 -11.32
C GLU A 387 7.58 11.49 -11.36
N SER A 388 8.05 10.40 -10.77
CA SER A 388 7.23 9.20 -10.74
C SER A 388 5.89 9.51 -10.06
N PHE A 389 5.86 10.45 -9.12
CA PHE A 389 4.60 10.78 -8.44
C PHE A 389 3.58 11.47 -9.33
N LYS A 390 4.02 12.04 -10.45
CA LYS A 390 3.07 12.64 -11.37
C LYS A 390 2.21 11.58 -12.01
N TYR A 391 2.86 10.54 -12.51
CA TYR A 391 2.15 9.44 -13.11
C TYR A 391 1.27 8.72 -12.11
N LYS A 392 1.78 8.52 -10.90
CA LYS A 392 1.01 7.85 -9.87
C LYS A 392 -0.21 8.69 -9.43
N ALA A 393 -0.05 10.00 -9.41
CA ALA A 393 -1.14 10.89 -9.03
C ALA A 393 -2.15 10.92 -10.15
N LYS A 394 -1.68 10.92 -11.38
CA LYS A 394 -2.59 10.96 -12.49
C LYS A 394 -3.39 9.67 -12.48
N TYR A 395 -2.72 8.55 -12.25
CA TYR A 395 -3.39 7.24 -12.16
C TYR A 395 -4.43 7.21 -11.03
N ILE A 396 -4.05 7.73 -9.86
CA ILE A 396 -5.00 7.90 -8.77
C ILE A 396 -6.27 8.64 -9.17
N LYS A 397 -6.12 9.76 -9.87
CA LYS A 397 -7.28 10.53 -10.33
C LYS A 397 -8.06 9.76 -11.37
N GLN A 398 -7.35 9.15 -12.31
CA GLN A 398 -8.02 8.46 -13.41
C GLN A 398 -8.83 7.30 -12.89
N GLN A 399 -8.26 6.51 -11.99
CA GLN A 399 -8.95 5.32 -11.46
C GLN A 399 -9.88 5.67 -10.30
N GLN A 400 -9.98 6.94 -9.95
CA GLN A 400 -10.86 7.36 -8.86
C GLN A 400 -10.57 6.60 -7.56
N LEU A 401 -9.29 6.53 -7.23
CA LEU A 401 -8.87 6.02 -5.95
C LEU A 401 -9.00 7.06 -4.85
N GLY A 402 -8.91 6.59 -3.60
CA GLY A 402 -9.13 7.45 -2.46
C GLY A 402 -7.98 8.41 -2.19
N GLY A 403 -6.77 8.05 -2.60
CA GLY A 403 -5.64 8.90 -2.33
C GLY A 403 -4.33 8.14 -2.37
N VAL A 404 -3.39 8.59 -1.54
CA VAL A 404 -2.01 8.11 -1.55
C VAL A 404 -1.57 7.97 -0.11
N MET A 405 -0.79 6.92 0.16
CA MET A 405 -0.19 6.68 1.46
C MET A 405 1.32 6.53 1.26
N PHE A 406 2.11 6.87 2.27
CA PHE A 406 3.55 6.69 2.13
C PHE A 406 4.26 6.35 3.42
N TRP A 407 5.30 5.54 3.26
CA TRP A 407 6.23 5.23 4.33
C TRP A 407 7.58 5.80 3.90
N HIS A 408 8.17 6.67 4.71
CA HIS A 408 7.48 7.38 5.81
C HIS A 408 8.00 8.82 5.87
N LEU A 409 7.39 9.63 6.72
CA LEU A 409 7.58 11.10 6.71
C LEU A 409 9.04 11.51 6.91
N GLY A 410 9.75 10.76 7.75
CA GLY A 410 11.12 11.07 8.09
C GLY A 410 12.07 10.84 6.94
N GLN A 411 11.55 10.39 5.80
CA GLN A 411 12.41 10.05 4.71
C GLN A 411 12.27 11.06 3.55
N ASP A 412 11.28 11.93 3.64
CA ASP A 412 11.22 13.09 2.74
C ASP A 412 12.49 13.92 2.94
N ASN A 413 12.84 14.75 1.98
CA ASN A 413 13.92 15.70 2.24
C ASN A 413 13.45 16.82 3.17
N ARG A 414 14.40 17.62 3.64
CA ARG A 414 14.13 18.68 4.61
C ARG A 414 12.99 19.58 4.20
N ASN A 415 12.99 20.03 2.95
CA ASN A 415 11.93 20.89 2.49
C ASN A 415 10.62 20.17 2.28
N GLY A 416 10.62 18.84 2.36
CA GLY A 416 9.40 18.08 2.22
C GLY A 416 8.89 18.12 0.79
N ASP A 417 9.80 18.01 -0.16
CA ASP A 417 9.42 18.09 -1.57
C ASP A 417 8.50 16.95 -2.04
N LEU A 418 8.66 15.73 -1.52
CA LEU A 418 7.81 14.64 -1.99
C LEU A 418 6.34 14.86 -1.59
N LEU A 419 6.14 15.32 -0.37
CA LEU A 419 4.81 15.58 0.16
C LEU A 419 4.16 16.75 -0.55
N ALA A 420 4.96 17.77 -0.81
CA ALA A 420 4.51 18.97 -1.50
C ALA A 420 4.10 18.62 -2.90
N ALA A 421 4.87 17.75 -3.55
CA ALA A 421 4.55 17.38 -4.93
C ALA A 421 3.25 16.61 -4.99
N LEU A 422 3.03 15.71 -4.03
CA LEU A 422 1.78 14.96 -4.00
C LEU A 422 0.56 15.89 -3.77
N ASP A 423 0.68 16.80 -2.82
CA ASP A 423 -0.35 17.80 -2.55
C ASP A 423 -0.62 18.70 -3.75
N ARG A 424 0.42 18.99 -4.51
CA ARG A 424 0.29 19.85 -5.67
C ARG A 424 -0.42 19.15 -6.81
N TYR A 425 -0.08 17.88 -7.05
CA TYR A 425 -0.67 17.16 -8.16
C TYR A 425 -2.16 16.89 -7.96
N PHE A 426 -2.62 16.92 -6.71
CA PHE A 426 -4.03 16.71 -6.42
C PHE A 426 -4.77 18.05 -6.33
N ASN A 427 -4.13 19.08 -5.82
CA ASN A 427 -4.85 20.23 -5.29
C ASN A 427 -4.47 21.56 -5.92
N ALA A 428 -3.32 21.67 -6.57
CA ALA A 428 -2.90 22.95 -7.14
C ALA A 428 -3.78 23.33 -8.32
N ALA A 429 -4.39 24.50 -8.25
CA ALA A 429 -5.20 25.06 -9.34
C ALA A 429 -4.44 25.16 -10.68
N ASP A 430 -3.15 25.44 -10.61
CA ASP A 430 -2.35 25.70 -11.81
C ASP A 430 -1.57 24.49 -12.30
N TYR A 431 -1.78 23.33 -11.67
CA TYR A 431 -1.11 22.13 -12.13
C TYR A 431 -1.99 21.41 -13.12
N ASP A 432 -1.44 21.05 -14.27
CA ASP A 432 -2.23 20.43 -15.34
C ASP A 432 -1.50 19.18 -15.82
N ASP A 433 -2.09 17.99 -15.66
CA ASP A 433 -1.45 16.77 -16.15
C ASP A 433 -2.24 16.12 -17.26
N SER A 434 -3.12 16.90 -17.87
CA SER A 434 -4.02 16.40 -18.90
C SER A 434 -3.23 15.91 -20.09
N GLN A 435 -2.05 16.46 -20.31
CA GLN A 435 -1.18 16.03 -21.42
C GLN A 435 -0.11 15.03 -20.98
N LEU A 436 0.02 14.80 -19.69
CA LEU A 436 1.05 13.90 -19.21
C LEU A 436 0.86 12.52 -19.82
N ASP A 437 1.89 12.00 -20.49
CA ASP A 437 1.75 10.75 -21.22
C ASP A 437 2.07 9.57 -20.29
N MET A 438 1.13 8.62 -20.22
CA MET A 438 1.22 7.52 -19.26
C MET A 438 2.00 6.33 -19.80
N GLY A 439 2.38 6.41 -21.08
CA GLY A 439 3.39 5.51 -21.63
C GLY A 439 2.79 4.24 -22.15
N THR A 440 3.63 3.32 -22.59
CA THR A 440 3.16 2.07 -23.16
C THR A 440 3.57 0.87 -22.33
N GLY A 441 3.93 1.08 -21.07
CA GLY A 441 4.13 -0.03 -20.15
C GLY A 441 2.96 -0.98 -20.12
N LEU A 442 3.23 -2.19 -19.70
CA LEU A 442 2.22 -3.23 -19.60
C LEU A 442 1.18 -2.90 -18.52
N ARG A 443 -0.08 -2.81 -18.94
CA ARG A 443 -1.21 -2.76 -18.04
C ARG A 443 -1.64 -4.15 -17.56
N TYR A 444 -2.19 -4.22 -16.34
CA TYR A 444 -2.84 -5.44 -15.87
C TYR A 444 -4.24 -5.47 -16.45
N THR A 445 -4.54 -6.52 -17.18
CA THR A 445 -5.76 -6.58 -17.99
C THR A 445 -6.85 -7.47 -17.38
N GLY A 446 -6.59 -8.07 -16.24
CA GLY A 446 -7.60 -8.88 -15.55
C GLY A 446 -8.95 -8.18 -15.57
N VAL A 447 -10.01 -8.92 -15.84
CA VAL A 447 -11.35 -8.45 -15.54
C VAL A 447 -12.01 -9.44 -14.59
N GLY A 448 -12.70 -8.91 -13.59
CA GLY A 448 -13.52 -9.72 -12.70
C GLY A 448 -14.88 -9.07 -12.54
N PRO A 449 -15.71 -9.64 -11.66
CA PRO A 449 -17.09 -9.19 -11.41
C PRO A 449 -17.16 -7.73 -10.98
N GLY A 450 -16.12 -7.23 -10.34
CA GLY A 450 -16.13 -5.88 -9.80
C GLY A 450 -15.79 -4.78 -10.80
N ASN A 451 -15.20 -5.13 -11.95
CA ASN A 451 -14.80 -4.10 -12.92
C ASN A 451 -15.13 -4.50 -14.35
N LEU A 452 -16.35 -4.96 -14.60
CA LEU A 452 -16.77 -5.25 -15.97
C LEU A 452 -16.83 -3.98 -16.77
N PRO A 453 -16.29 -4.00 -17.99
CA PRO A 453 -16.41 -2.77 -18.79
C PRO A 453 -17.81 -2.59 -19.33
N ILE A 454 -18.12 -1.35 -19.70
CA ILE A 454 -19.36 -1.05 -20.41
C ILE A 454 -19.26 -1.53 -21.84
N MET A 455 -20.24 -2.30 -22.29
CA MET A 455 -20.25 -2.86 -23.63
C MET A 455 -21.66 -2.75 -24.20
N THR A 456 -21.77 -3.00 -25.51
CA THR A 456 -23.09 -3.20 -26.12
C THR A 456 -23.05 -4.44 -26.97
N ALA A 457 -24.23 -4.97 -27.29
CA ALA A 457 -24.31 -6.09 -28.21
C ALA A 457 -25.78 -6.22 -28.57
N PRO A 458 -26.07 -6.93 -29.67
CA PRO A 458 -27.48 -7.22 -29.95
C PRO A 458 -28.13 -7.98 -28.81
N ALA A 459 -29.40 -7.70 -28.60
CA ALA A 459 -30.18 -8.47 -27.64
C ALA A 459 -30.17 -9.97 -27.98
N TYR A 460 -29.94 -10.79 -26.96
CA TYR A 460 -30.21 -12.21 -27.05
C TYR A 460 -31.57 -12.42 -27.68
N VAL A 461 -31.67 -13.42 -28.55
CA VAL A 461 -32.92 -13.83 -29.18
C VAL A 461 -33.15 -15.32 -28.99
N PRO A 462 -34.26 -15.70 -28.34
CA PRO A 462 -34.54 -17.13 -28.13
C PRO A 462 -34.71 -17.87 -29.45
N GLY A 463 -34.14 -19.06 -29.56
CA GLY A 463 -34.19 -19.84 -30.79
C GLY A 463 -32.97 -19.68 -31.68
N THR A 464 -32.13 -18.70 -31.37
CA THR A 464 -30.97 -18.45 -32.19
C THR A 464 -29.82 -19.34 -31.76
N THR A 465 -29.08 -19.83 -32.74
CA THR A 465 -27.92 -20.64 -32.48
C THR A 465 -26.67 -19.80 -32.48
N TYR A 466 -26.00 -19.74 -31.35
CA TYR A 466 -24.86 -18.85 -31.19
C TYR A 466 -23.55 -19.65 -31.21
N ALA A 467 -22.67 -19.29 -32.12
CA ALA A 467 -21.34 -19.90 -32.18
C ALA A 467 -20.44 -19.38 -31.06
N GLN A 468 -19.34 -20.09 -30.87
CA GLN A 468 -18.31 -19.71 -29.93
C GLN A 468 -17.91 -18.26 -30.13
N GLY A 469 -17.90 -17.49 -29.04
CA GLY A 469 -17.40 -16.13 -29.11
C GLY A 469 -18.50 -15.12 -29.40
N ALA A 470 -19.72 -15.60 -29.68
CA ALA A 470 -20.81 -14.67 -29.95
C ALA A 470 -21.10 -13.85 -28.70
N LEU A 471 -21.48 -12.59 -28.92
CA LEU A 471 -21.78 -11.63 -27.86
C LEU A 471 -23.24 -11.21 -27.96
N VAL A 472 -23.99 -11.40 -26.89
CA VAL A 472 -25.34 -10.89 -26.82
C VAL A 472 -25.53 -10.01 -25.59
N SER A 473 -26.67 -9.31 -25.52
CA SER A 473 -27.00 -8.56 -24.33
C SER A 473 -28.30 -9.05 -23.74
N TYR A 474 -28.35 -9.09 -22.42
CA TYR A 474 -29.46 -9.74 -21.76
C TYR A 474 -29.48 -9.38 -20.28
N GLN A 475 -30.66 -8.95 -19.82
CA GLN A 475 -30.88 -8.62 -18.42
C GLN A 475 -29.76 -7.79 -17.80
N GLY A 476 -29.30 -6.77 -18.51
CA GLY A 476 -28.39 -5.77 -17.96
C GLY A 476 -26.93 -5.98 -18.32
N TYR A 477 -26.60 -7.16 -18.84
CA TYR A 477 -25.20 -7.46 -19.16
C TYR A 477 -24.95 -7.82 -20.61
N VAL A 478 -23.68 -7.82 -20.97
CA VAL A 478 -23.25 -8.47 -22.17
C VAL A 478 -22.55 -9.79 -21.82
N TRP A 479 -22.88 -10.80 -22.60
CA TRP A 479 -22.54 -12.17 -22.33
C TRP A 479 -21.80 -12.71 -23.56
N GLN A 480 -20.94 -13.68 -23.36
CA GLN A 480 -20.20 -14.28 -24.46
C GLN A 480 -20.23 -15.79 -24.35
N THR A 481 -20.51 -16.48 -25.47
CA THR A 481 -20.53 -17.93 -25.47
C THR A 481 -19.11 -18.43 -25.33
N LYS A 482 -18.93 -19.49 -24.57
CA LYS A 482 -17.61 -20.07 -24.38
C LYS A 482 -17.34 -21.14 -25.44
N TRP A 483 -18.39 -21.76 -25.93
CA TRP A 483 -18.33 -22.66 -27.08
C TRP A 483 -19.64 -22.58 -27.85
N GLY A 484 -19.72 -23.25 -28.99
CA GLY A 484 -20.97 -23.28 -29.78
C GLY A 484 -21.50 -24.69 -29.93
N TYR A 485 -22.75 -24.86 -30.36
CA TYR A 485 -23.72 -23.77 -30.57
C TYR A 485 -24.66 -23.72 -29.38
N ILE A 486 -24.93 -22.51 -28.91
CA ILE A 486 -25.68 -22.33 -27.69
C ILE A 486 -27.02 -21.71 -28.06
N THR A 487 -28.09 -22.23 -27.46
CA THR A 487 -29.38 -21.55 -27.53
C THR A 487 -29.91 -21.17 -26.16
N SER A 488 -29.26 -21.58 -25.08
CA SER A 488 -29.74 -21.30 -23.71
C SER A 488 -29.71 -19.79 -23.42
N ALA A 489 -30.62 -19.36 -22.55
CA ALA A 489 -30.62 -17.97 -22.09
C ALA A 489 -29.33 -17.65 -21.31
N PRO A 490 -28.70 -16.51 -21.62
CA PRO A 490 -27.47 -16.15 -20.94
C PRO A 490 -27.61 -16.13 -19.42
N GLY A 491 -26.68 -16.78 -18.75
CA GLY A 491 -26.68 -16.85 -17.29
C GLY A 491 -27.37 -18.09 -16.77
N SER A 492 -28.06 -18.83 -17.63
CA SER A 492 -28.89 -19.94 -17.15
C SER A 492 -28.10 -21.24 -17.06
N ASP A 493 -26.91 -21.27 -17.64
CA ASP A 493 -26.04 -22.43 -17.51
C ASP A 493 -24.57 -22.02 -17.65
N SER A 494 -23.70 -23.00 -17.79
CA SER A 494 -22.28 -22.73 -17.73
C SER A 494 -21.65 -22.31 -19.08
N ALA A 495 -22.46 -22.09 -20.11
CA ALA A 495 -21.92 -21.85 -21.47
C ALA A 495 -21.67 -20.38 -21.74
N TRP A 496 -22.27 -19.54 -20.92
CA TRP A 496 -22.17 -18.10 -21.09
C TRP A 496 -21.23 -17.50 -20.07
N LEU A 497 -20.40 -16.58 -20.54
CA LEU A 497 -19.49 -15.82 -19.71
C LEU A 497 -20.01 -14.38 -19.67
N LYS A 498 -20.30 -13.88 -18.48
CA LYS A 498 -20.60 -12.47 -18.31
C LYS A 498 -19.35 -11.65 -18.53
N VAL A 499 -19.32 -10.83 -19.59
CA VAL A 499 -18.10 -10.11 -19.95
C VAL A 499 -18.23 -8.59 -19.84
N GLY A 500 -19.45 -8.08 -19.72
CA GLY A 500 -19.68 -6.65 -19.86
C GLY A 500 -20.97 -6.21 -19.24
N ARG A 501 -21.11 -4.91 -19.01
CA ARG A 501 -22.37 -4.36 -18.50
C ARG A 501 -22.92 -3.24 -19.40
N LEU A 502 -24.24 -3.12 -19.39
CA LEU A 502 -24.96 -2.24 -20.33
C LEU A 502 -25.06 -0.81 -19.83
N ALA A 503 -25.52 0.10 -20.70
CA ALA A 503 -26.57 1.08 -20.36
C ALA A 503 -26.56 1.45 -18.89
#